data_1L5K
#
_entry.id   1L5K
#
_cell.length_a   71.690
_cell.length_b   89.930
_cell.length_c   47.720
_cell.angle_alpha   90.00
_cell.angle_beta   90.00
_cell.angle_gamma   90.00
#
_symmetry.space_group_name_H-M   'P 21 21 2'
#
loop_
_entity.id
_entity.type
_entity.pdbx_description
1 polymer 'Nicotinate-nucleotide--dimethylbenzimidazole phosphoribosyltransferase'
2 non-polymer "1-ALPHA-D-RIBOFURANOSYL-BENZIMIAZOLE-5'-PHOSPHATE"
3 non-polymer 'NICOTINIC ACID'
4 water water
#
_entity_poly.entity_id   1
_entity_poly.type   'polypeptide(L)'
_entity_poly.pdbx_seq_one_letter_code
;MQTLHALLRDIPAPDAEAMARTQQHIDGLLKPPGSLGRLETLAVQLAGMPGLNGTPQVGEKAVLVMCADHGVWDEGVAVS
PKIVTAIQAANMTRGTTGVCVLAAQAGAKVHVIDVGIDAEPIPGVVNMRVARGCGNIAVGPAMSRLQAEALLLEVSRYTC
DLAQRGVTLFGVGELGMANTTPAAAMVSVFTGSDAKEVVGIGANLPPSRIDNKVDVVRRAIAINQPNPRDGIDVLSKVGG
FDLVGMTGVMLGAARCGLPVLLDGFLSYSAALAACQIAPAVRPYLIPSHFSAEKGARIALAHLSMEPYLHMAMRLGEGSG
AALAMPIVEAACAMFHNMGELAASNIVLPEGNANAT
;
_entity_poly.pdbx_strand_id   A
#
loop_
_chem_comp.id
_chem_comp.type
_chem_comp.name
_chem_comp.formula
1RB non-polymer 1-ALPHA-D-RIBOFURANOSYL-BENZIMIAZOLE-5'-PHOSPHATE 'C12 H15 N2 O7 P'
NIO non-polymer 'NICOTINIC ACID' 'C6 H5 N O2'
#
# COMPACT_ATOMS: atom_id res chain seq x y z
N LEU A 4 9.00 12.00 14.82
CA LEU A 4 8.13 11.79 13.63
C LEU A 4 8.20 13.02 12.72
N HIS A 5 8.32 14.19 13.33
CA HIS A 5 8.41 15.41 12.55
C HIS A 5 9.72 15.34 11.79
N ALA A 6 10.75 14.83 12.46
CA ALA A 6 12.07 14.67 11.85
C ALA A 6 11.93 13.79 10.62
N LEU A 7 11.25 12.66 10.80
CA LEU A 7 11.02 11.70 9.74
C LEU A 7 10.43 12.35 8.49
N LEU A 8 9.24 12.91 8.65
CA LEU A 8 8.54 13.54 7.54
C LEU A 8 9.34 14.65 6.90
N ARG A 9 10.15 15.33 7.72
CA ARG A 9 10.97 16.42 7.23
C ARG A 9 12.11 15.94 6.34
N ASP A 10 12.71 14.82 6.71
CA ASP A 10 13.84 14.27 5.97
C ASP A 10 13.53 13.38 4.76
N ILE A 11 12.29 13.43 4.27
CA ILE A 11 11.93 12.62 3.10
C ILE A 11 12.54 13.33 1.90
N PRO A 12 13.43 12.64 1.18
CA PRO A 12 14.09 13.24 0.01
C PRO A 12 13.21 13.50 -1.20
N ALA A 13 13.50 14.57 -1.92
CA ALA A 13 12.76 14.89 -3.12
C ALA A 13 13.39 14.05 -4.23
N PRO A 14 12.69 13.85 -5.36
CA PRO A 14 13.22 13.05 -6.46
C PRO A 14 14.44 13.73 -7.11
N ASP A 15 15.34 12.91 -7.63
CA ASP A 15 16.57 13.38 -8.28
C ASP A 15 16.30 13.70 -9.76
N ALA A 16 16.00 14.96 -10.06
CA ALA A 16 15.70 15.36 -11.43
C ALA A 16 16.86 15.11 -12.38
N GLU A 17 18.08 15.23 -11.89
CA GLU A 17 19.27 15.03 -12.72
C GLU A 17 19.34 13.60 -13.22
N ALA A 18 19.14 12.65 -12.31
CA ALA A 18 19.19 11.24 -12.68
C ALA A 18 18.06 10.92 -13.66
N MET A 19 16.88 11.49 -13.41
CA MET A 19 15.73 11.27 -14.29
C MET A 19 15.97 11.79 -15.71
N ALA A 20 16.67 12.91 -15.82
CA ALA A 20 16.97 13.50 -17.13
C ALA A 20 17.89 12.57 -17.92
N ARG A 21 18.92 12.06 -17.26
CA ARG A 21 19.85 11.15 -17.92
C ARG A 21 19.11 9.87 -18.31
N THR A 22 18.15 9.48 -17.49
CA THR A 22 17.37 8.28 -17.75
C THR A 22 16.54 8.41 -19.01
N GLN A 23 15.82 9.53 -19.11
CA GLN A 23 14.97 9.78 -20.27
C GLN A 23 15.79 9.75 -21.56
N GLN A 24 16.92 10.46 -21.55
CA GLN A 24 17.79 10.52 -22.72
C GLN A 24 18.25 9.12 -23.13
N HIS A 25 18.63 8.31 -22.15
CA HIS A 25 19.08 6.96 -22.45
C HIS A 25 17.96 6.11 -23.04
N ILE A 26 16.76 6.20 -22.47
CA ILE A 26 15.63 5.43 -22.96
C ILE A 26 15.25 5.86 -24.37
N ASP A 27 15.33 7.16 -24.64
CA ASP A 27 15.01 7.67 -25.96
C ASP A 27 15.94 7.12 -27.04
N GLY A 28 17.16 6.75 -26.65
CA GLY A 28 18.09 6.22 -27.63
C GLY A 28 18.09 4.72 -27.81
N LEU A 29 17.17 4.02 -27.13
CA LEU A 29 17.12 2.58 -27.24
C LEU A 29 16.57 2.12 -28.59
N LEU A 30 16.85 0.87 -28.93
CA LEU A 30 16.46 0.25 -30.19
C LEU A 30 14.94 0.14 -30.34
N LYS A 31 14.26 1.27 -30.49
CA LYS A 31 12.81 1.27 -30.63
C LYS A 31 12.31 2.66 -30.94
N PRO A 32 11.09 2.77 -31.49
CA PRO A 32 10.54 4.08 -31.81
C PRO A 32 10.42 4.82 -30.47
N PRO A 33 10.85 6.08 -30.42
CA PRO A 33 10.77 6.85 -29.18
C PRO A 33 9.37 6.80 -28.53
N GLY A 34 9.36 6.52 -27.23
CA GLY A 34 8.12 6.45 -26.47
C GLY A 34 7.22 5.25 -26.74
N SER A 35 7.65 4.35 -27.60
CA SER A 35 6.85 3.18 -27.96
C SER A 35 6.58 2.19 -26.83
N LEU A 36 7.39 2.23 -25.78
CA LEU A 36 7.17 1.32 -24.66
C LEU A 36 6.32 1.98 -23.56
N GLY A 37 5.70 3.10 -23.90
CA GLY A 37 4.83 3.81 -22.99
C GLY A 37 5.09 3.87 -21.50
N ARG A 38 4.13 3.42 -20.70
CA ARG A 38 4.26 3.46 -19.24
C ARG A 38 5.46 2.71 -18.67
N LEU A 39 6.01 1.78 -19.43
CA LEU A 39 7.17 1.04 -18.95
C LEU A 39 8.35 2.02 -18.93
N GLU A 40 8.33 3.00 -19.83
CA GLU A 40 9.40 4.00 -19.92
C GLU A 40 9.28 5.01 -18.77
N THR A 41 8.05 5.49 -18.54
CA THR A 41 7.80 6.45 -17.48
C THR A 41 8.10 5.82 -16.14
N LEU A 42 7.85 4.51 -16.01
CA LEU A 42 8.13 3.82 -14.77
C LEU A 42 9.63 3.81 -14.53
N ALA A 43 10.41 3.50 -15.57
CA ALA A 43 11.87 3.47 -15.42
C ALA A 43 12.41 4.82 -15.00
N VAL A 44 11.85 5.89 -15.56
CA VAL A 44 12.30 7.23 -15.21
C VAL A 44 11.96 7.52 -13.76
N GLN A 45 10.76 7.13 -13.35
CA GLN A 45 10.32 7.35 -11.98
C GLN A 45 11.31 6.71 -11.00
N LEU A 46 11.65 5.45 -11.25
CA LEU A 46 12.58 4.72 -10.39
C LEU A 46 13.94 5.43 -10.32
N ALA A 47 14.43 5.88 -11.46
CA ALA A 47 15.72 6.56 -11.51
C ALA A 47 15.78 7.78 -10.60
N GLY A 48 14.62 8.41 -10.38
CA GLY A 48 14.59 9.60 -9.54
C GLY A 48 14.62 9.30 -8.05
N MET A 49 14.46 8.03 -7.69
CA MET A 49 14.46 7.65 -6.28
C MET A 49 15.89 7.49 -5.76
N PRO A 50 16.31 8.39 -4.86
CA PRO A 50 17.66 8.39 -4.28
C PRO A 50 18.20 7.04 -3.79
N GLY A 51 17.33 6.26 -3.16
CA GLY A 51 17.76 4.96 -2.66
C GLY A 51 18.18 3.99 -3.75
N LEU A 52 17.85 4.29 -5.00
CA LEU A 52 18.19 3.42 -6.13
C LEU A 52 19.49 3.73 -6.86
N ASN A 53 20.28 4.66 -6.32
CA ASN A 53 21.56 4.99 -6.92
C ASN A 53 21.53 5.49 -8.37
N GLY A 54 20.65 6.46 -8.63
CA GLY A 54 20.54 7.07 -9.94
C GLY A 54 20.23 6.22 -11.15
N THR A 55 19.63 5.05 -10.94
CA THR A 55 19.33 4.19 -12.07
C THR A 55 18.21 3.22 -11.72
N PRO A 56 17.34 2.88 -12.70
CA PRO A 56 16.27 1.93 -12.36
C PRO A 56 16.87 0.55 -12.12
N GLN A 57 16.76 0.07 -10.88
CA GLN A 57 17.30 -1.24 -10.52
C GLN A 57 16.45 -1.86 -9.42
N VAL A 58 16.54 -3.18 -9.28
CA VAL A 58 15.80 -3.90 -8.25
C VAL A 58 16.70 -4.95 -7.63
N GLY A 59 16.92 -4.85 -6.31
CA GLY A 59 17.74 -5.83 -5.61
C GLY A 59 16.80 -6.84 -4.99
N GLU A 60 16.80 -6.93 -3.66
CA GLU A 60 15.90 -7.85 -2.96
C GLU A 60 14.53 -7.21 -2.87
N LYS A 61 13.48 -8.03 -2.85
CA LYS A 61 12.11 -7.54 -2.76
C LYS A 61 11.43 -8.05 -1.51
N ALA A 62 10.59 -7.23 -0.90
CA ALA A 62 9.89 -7.66 0.30
C ALA A 62 8.46 -7.17 0.33
N VAL A 63 7.56 -8.02 0.77
CA VAL A 63 6.15 -7.65 0.89
C VAL A 63 5.87 -7.63 2.39
N LEU A 64 5.36 -6.52 2.88
CA LEU A 64 5.03 -6.38 4.30
C LEU A 64 3.53 -6.46 4.53
N VAL A 65 3.11 -7.48 5.27
CA VAL A 65 1.70 -7.70 5.56
C VAL A 65 1.36 -7.33 7.00
N MET A 66 0.57 -6.28 7.15
CA MET A 66 0.16 -5.78 8.47
C MET A 66 -1.16 -6.44 8.89
N CYS A 67 -1.13 -7.15 10.01
CA CYS A 67 -2.30 -7.87 10.49
C CYS A 67 -2.86 -7.31 11.79
N ALA A 68 -4.18 -7.22 11.85
CA ALA A 68 -4.84 -6.72 13.04
C ALA A 68 -6.33 -6.93 12.97
N ASP A 69 -6.97 -6.94 14.14
CA ASP A 69 -8.40 -7.10 14.20
C ASP A 69 -9.06 -5.77 14.49
N HIS A 70 -10.35 -5.69 14.14
CA HIS A 70 -11.13 -4.46 14.29
C HIS A 70 -12.35 -4.67 15.16
N GLY A 71 -12.63 -3.69 16.03
CA GLY A 71 -13.79 -3.80 16.88
C GLY A 71 -15.10 -3.67 16.12
N VAL A 72 -15.06 -2.97 14.99
CA VAL A 72 -16.27 -2.78 14.19
C VAL A 72 -16.80 -4.11 13.62
N TRP A 73 -16.04 -5.18 13.79
CA TRP A 73 -16.48 -6.48 13.32
C TRP A 73 -17.82 -6.82 14.01
N ASP A 74 -17.96 -6.40 15.26
CA ASP A 74 -19.17 -6.67 16.02
C ASP A 74 -20.44 -6.02 15.44
N GLU A 75 -20.27 -5.11 14.48
CA GLU A 75 -21.41 -4.44 13.87
C GLU A 75 -22.01 -5.27 12.72
N GLY A 76 -21.45 -6.45 12.49
CA GLY A 76 -21.95 -7.30 11.42
C GLY A 76 -21.60 -6.86 10.01
N VAL A 77 -20.44 -6.21 9.84
CA VAL A 77 -20.01 -5.73 8.53
C VAL A 77 -19.11 -6.70 7.76
N ALA A 78 -18.78 -7.83 8.38
CA ALA A 78 -17.92 -8.85 7.77
C ALA A 78 -18.48 -10.25 8.00
N VAL A 79 -18.43 -11.08 6.97
CA VAL A 79 -18.95 -12.44 7.05
C VAL A 79 -17.87 -13.48 7.39
N SER A 80 -16.61 -13.08 7.43
CA SER A 80 -15.55 -14.02 7.78
C SER A 80 -15.41 -14.04 9.30
N PRO A 81 -15.30 -15.24 9.90
CA PRO A 81 -15.15 -15.38 11.35
C PRO A 81 -13.94 -14.56 11.81
N LYS A 82 -14.09 -13.82 12.91
CA LYS A 82 -13.00 -13.00 13.40
C LYS A 82 -11.69 -13.79 13.61
N ILE A 83 -11.81 -15.06 13.94
CA ILE A 83 -10.65 -15.92 14.17
C ILE A 83 -9.78 -16.10 12.92
N VAL A 84 -10.39 -15.96 11.74
CA VAL A 84 -9.66 -16.12 10.49
C VAL A 84 -8.43 -15.22 10.39
N THR A 85 -8.47 -14.05 11.03
CA THR A 85 -7.32 -13.15 11.02
C THR A 85 -6.10 -13.87 11.59
N ALA A 86 -6.25 -14.44 12.78
CA ALA A 86 -5.16 -15.14 13.44
C ALA A 86 -4.75 -16.41 12.70
N ILE A 87 -5.73 -17.15 12.21
CA ILE A 87 -5.46 -18.39 11.49
C ILE A 87 -4.70 -18.11 10.20
N GLN A 88 -5.21 -17.18 9.40
CA GLN A 88 -4.57 -16.84 8.14
C GLN A 88 -3.19 -16.23 8.37
N ALA A 89 -3.01 -15.54 9.49
CA ALA A 89 -1.72 -14.94 9.80
C ALA A 89 -0.70 -16.08 10.00
N ALA A 90 -1.12 -17.15 10.66
CA ALA A 90 -0.23 -18.28 10.87
C ALA A 90 0.09 -18.93 9.53
N ASN A 91 -0.94 -19.08 8.68
CA ASN A 91 -0.71 -19.67 7.37
C ASN A 91 0.32 -18.88 6.58
N MET A 92 0.41 -17.58 6.86
CA MET A 92 1.39 -16.73 6.18
C MET A 92 2.79 -17.25 6.44
N THR A 93 3.03 -17.72 7.66
CA THR A 93 4.35 -18.23 8.02
C THR A 93 4.62 -19.58 7.38
N ARG A 94 3.59 -20.20 6.81
CA ARG A 94 3.75 -21.51 6.17
C ARG A 94 3.83 -21.41 4.65
N GLY A 95 3.70 -20.20 4.11
CA GLY A 95 3.77 -20.01 2.68
C GLY A 95 2.63 -20.59 1.85
N THR A 96 1.47 -20.76 2.45
CA THR A 96 0.33 -21.33 1.73
C THR A 96 -0.74 -20.34 1.30
N THR A 97 -0.62 -19.09 1.73
CA THR A 97 -1.61 -18.07 1.38
C THR A 97 -1.38 -17.50 -0.03
N GLY A 98 -2.35 -16.73 -0.51
CA GLY A 98 -2.25 -16.14 -1.82
C GLY A 98 -1.05 -15.22 -2.03
N VAL A 99 -0.75 -14.34 -1.07
CA VAL A 99 0.38 -13.44 -1.23
C VAL A 99 1.71 -14.21 -1.17
N CYS A 100 1.75 -15.27 -0.36
CA CYS A 100 2.96 -16.08 -0.26
C CYS A 100 3.34 -16.74 -1.58
N VAL A 101 2.35 -17.33 -2.23
CA VAL A 101 2.57 -18.02 -3.51
C VAL A 101 2.96 -17.06 -4.63
N LEU A 102 2.30 -15.90 -4.68
CA LEU A 102 2.59 -14.90 -5.69
C LEU A 102 3.93 -14.23 -5.40
N ALA A 103 4.25 -14.04 -4.13
CA ALA A 103 5.52 -13.42 -3.76
C ALA A 103 6.66 -14.36 -4.14
N ALA A 104 6.47 -15.66 -3.89
CA ALA A 104 7.48 -16.65 -4.21
C ALA A 104 7.72 -16.67 -5.71
N GLN A 105 6.66 -16.46 -6.47
CA GLN A 105 6.77 -16.45 -7.92
C GLN A 105 7.60 -15.24 -8.37
N ALA A 106 7.50 -14.14 -7.63
CA ALA A 106 8.24 -12.91 -7.95
C ALA A 106 9.62 -12.88 -7.30
N GLY A 107 9.92 -13.89 -6.48
CA GLY A 107 11.21 -13.94 -5.80
C GLY A 107 11.30 -12.92 -4.68
N ALA A 108 10.17 -12.64 -4.04
CA ALA A 108 10.15 -11.69 -2.94
C ALA A 108 9.88 -12.40 -1.62
N LYS A 109 10.37 -11.83 -0.51
CA LYS A 109 10.15 -12.42 0.79
C LYS A 109 8.98 -11.72 1.49
N VAL A 110 8.14 -12.51 2.15
CA VAL A 110 6.99 -11.95 2.85
C VAL A 110 7.28 -11.77 4.33
N HIS A 111 7.00 -10.58 4.84
CA HIS A 111 7.20 -10.29 6.26
C HIS A 111 5.83 -10.11 6.90
N VAL A 112 5.47 -11.02 7.80
CA VAL A 112 4.17 -10.94 8.46
C VAL A 112 4.33 -10.16 9.77
N ILE A 113 3.62 -9.05 9.88
CA ILE A 113 3.70 -8.21 11.07
C ILE A 113 2.37 -8.10 11.80
N ASP A 114 2.38 -8.45 13.09
CA ASP A 114 1.19 -8.38 13.93
C ASP A 114 1.18 -7.01 14.60
N VAL A 115 0.25 -6.15 14.20
CA VAL A 115 0.14 -4.84 14.80
C VAL A 115 -1.10 -4.73 15.70
N GLY A 116 -1.87 -5.81 15.78
CA GLY A 116 -3.05 -5.77 16.63
C GLY A 116 -4.05 -6.90 16.49
N ILE A 117 -3.57 -8.13 16.34
CA ILE A 117 -4.46 -9.28 16.21
C ILE A 117 -5.06 -9.60 17.59
N ASP A 118 -6.35 -9.92 17.61
CA ASP A 118 -7.06 -10.24 18.85
C ASP A 118 -6.94 -11.74 19.13
N ALA A 119 -5.74 -12.16 19.51
CA ALA A 119 -5.47 -13.56 19.79
C ALA A 119 -4.09 -13.63 20.43
N GLU A 120 -3.70 -14.82 20.88
CA GLU A 120 -2.39 -14.99 21.48
C GLU A 120 -1.34 -14.76 20.41
N PRO A 121 -0.13 -14.35 20.81
CA PRO A 121 0.97 -14.11 19.87
C PRO A 121 1.20 -15.32 18.98
N ILE A 122 1.51 -15.09 17.71
CA ILE A 122 1.77 -16.19 16.78
C ILE A 122 3.27 -16.31 16.53
N PRO A 123 3.86 -17.48 16.84
CA PRO A 123 5.29 -17.68 16.63
C PRO A 123 5.68 -17.49 15.17
N GLY A 124 6.80 -16.81 14.93
CA GLY A 124 7.23 -16.59 13.57
C GLY A 124 6.77 -15.26 13.00
N VAL A 125 5.75 -14.68 13.62
CA VAL A 125 5.21 -13.40 13.17
C VAL A 125 5.90 -12.24 13.90
N VAL A 126 6.21 -11.17 13.18
CA VAL A 126 6.87 -10.03 13.78
C VAL A 126 5.89 -9.38 14.75
N ASN A 127 6.32 -9.26 16.00
CA ASN A 127 5.45 -8.68 17.02
C ASN A 127 5.57 -7.16 17.20
N MET A 128 4.50 -6.46 16.85
CA MET A 128 4.41 -5.00 16.98
C MET A 128 2.98 -4.64 17.38
N ARG A 129 2.29 -5.57 18.04
CA ARG A 129 0.90 -5.35 18.43
C ARG A 129 0.66 -4.21 19.41
N VAL A 130 -0.28 -3.34 19.03
CA VAL A 130 -0.63 -2.19 19.84
C VAL A 130 -1.61 -2.64 20.91
N ALA A 131 -2.55 -3.48 20.51
CA ALA A 131 -3.57 -3.99 21.43
C ALA A 131 -4.27 -5.14 20.73
N ARG A 132 -5.08 -5.88 21.48
CA ARG A 132 -5.82 -6.99 20.89
C ARG A 132 -7.01 -6.45 20.12
N GLY A 133 -6.76 -5.97 18.91
CA GLY A 133 -7.82 -5.40 18.10
C GLY A 133 -8.02 -3.94 18.45
N CYS A 134 -8.48 -3.13 17.51
CA CYS A 134 -8.70 -1.70 17.78
C CYS A 134 -10.14 -1.47 18.23
N GLY A 135 -10.43 -0.27 18.71
CA GLY A 135 -11.78 0.04 19.15
C GLY A 135 -12.78 0.03 18.01
N ASN A 136 -14.06 -0.17 18.35
CA ASN A 136 -15.15 -0.18 17.37
C ASN A 136 -15.39 1.25 16.90
N ILE A 137 -15.00 1.55 15.67
CA ILE A 137 -15.15 2.90 15.14
C ILE A 137 -16.59 3.41 15.07
N ALA A 138 -17.57 2.51 15.18
CA ALA A 138 -18.96 2.93 15.12
C ALA A 138 -19.40 3.70 16.35
N VAL A 139 -18.71 3.49 17.48
CA VAL A 139 -19.08 4.15 18.72
C VAL A 139 -17.97 5.01 19.30
N GLY A 140 -16.87 5.13 18.57
CA GLY A 140 -15.77 5.93 19.05
C GLY A 140 -14.56 5.77 18.17
N PRO A 141 -13.38 6.21 18.63
CA PRO A 141 -12.16 6.08 17.84
C PRO A 141 -11.56 4.69 17.91
N ALA A 142 -10.79 4.35 16.87
CA ALA A 142 -10.12 3.07 16.80
C ALA A 142 -8.94 3.02 17.77
N MET A 143 -8.31 4.17 17.98
CA MET A 143 -7.16 4.28 18.86
C MET A 143 -6.89 5.74 19.21
N SER A 144 -5.87 5.99 20.03
CA SER A 144 -5.51 7.35 20.39
C SER A 144 -4.51 7.88 19.37
N ARG A 145 -4.41 9.21 19.26
CA ARG A 145 -3.46 9.80 18.32
C ARG A 145 -2.06 9.33 18.66
N LEU A 146 -1.78 9.20 19.95
CA LEU A 146 -0.47 8.76 20.40
C LEU A 146 -0.14 7.37 19.85
N GLN A 147 -1.10 6.45 19.95
CA GLN A 147 -0.90 5.09 19.46
C GLN A 147 -0.65 5.06 17.97
N ALA A 148 -1.33 5.94 17.24
CA ALA A 148 -1.14 5.99 15.79
C ALA A 148 0.25 6.48 15.44
N GLU A 149 0.68 7.58 16.06
CA GLU A 149 2.00 8.14 15.77
C GLU A 149 3.13 7.17 16.14
N ALA A 150 2.98 6.49 17.27
CA ALA A 150 3.99 5.54 17.72
C ALA A 150 4.15 4.39 16.74
N LEU A 151 3.03 3.87 16.25
CA LEU A 151 3.07 2.76 15.32
C LEU A 151 3.70 3.22 14.00
N LEU A 152 3.34 4.42 13.56
CA LEU A 152 3.89 4.97 12.34
C LEU A 152 5.40 5.01 12.39
N LEU A 153 5.94 5.49 13.51
CA LEU A 153 7.39 5.58 13.68
C LEU A 153 8.02 4.20 13.71
N GLU A 154 7.45 3.30 14.51
CA GLU A 154 7.95 1.94 14.62
C GLU A 154 7.99 1.23 13.26
N VAL A 155 6.87 1.23 12.55
CA VAL A 155 6.82 0.57 11.24
C VAL A 155 7.79 1.24 10.26
N SER A 156 7.87 2.57 10.30
CA SER A 156 8.76 3.33 9.43
C SER A 156 10.21 2.90 9.58
N ARG A 157 10.66 2.83 10.82
CA ARG A 157 12.03 2.43 11.13
C ARG A 157 12.30 1.01 10.63
N TYR A 158 11.38 0.11 10.94
CA TYR A 158 11.52 -1.29 10.52
C TYR A 158 11.68 -1.37 8.99
N THR A 159 10.83 -0.64 8.28
CA THR A 159 10.86 -0.65 6.82
C THR A 159 12.20 -0.17 6.25
N CYS A 160 12.65 1.00 6.68
CA CYS A 160 13.90 1.57 6.18
C CYS A 160 15.08 0.71 6.67
N ASP A 161 14.92 0.01 7.79
CA ASP A 161 15.97 -0.86 8.31
C ASP A 161 16.23 -2.02 7.34
N LEU A 162 15.17 -2.51 6.70
CA LEU A 162 15.31 -3.61 5.75
C LEU A 162 16.14 -3.16 4.56
N ALA A 163 16.02 -1.88 4.21
CA ALA A 163 16.78 -1.32 3.11
C ALA A 163 18.26 -1.57 3.32
N GLN A 164 18.69 -1.54 4.58
CA GLN A 164 20.10 -1.77 4.90
C GLN A 164 20.48 -3.22 4.69
N ARG A 165 19.49 -4.09 4.50
CA ARG A 165 19.74 -5.51 4.29
C ARG A 165 19.73 -5.88 2.81
N GLY A 166 19.50 -4.90 1.94
CA GLY A 166 19.50 -5.18 0.51
C GLY A 166 18.16 -5.00 -0.18
N VAL A 167 17.11 -4.73 0.58
CA VAL A 167 15.79 -4.53 -0.03
C VAL A 167 15.73 -3.19 -0.75
N THR A 168 15.27 -3.20 -2.00
CA THR A 168 15.17 -1.97 -2.78
C THR A 168 13.75 -1.73 -3.29
N LEU A 169 12.90 -2.74 -3.18
CA LEU A 169 11.53 -2.64 -3.63
C LEU A 169 10.57 -3.21 -2.60
N PHE A 170 9.60 -2.40 -2.16
CA PHE A 170 8.65 -2.85 -1.18
C PHE A 170 7.25 -3.05 -1.73
N GLY A 171 6.52 -3.91 -1.04
CA GLY A 171 5.14 -4.18 -1.39
C GLY A 171 4.38 -4.08 -0.08
N VAL A 172 3.17 -3.54 -0.10
CA VAL A 172 2.41 -3.40 1.13
C VAL A 172 1.14 -4.28 1.08
N GLY A 173 0.80 -4.83 2.24
CA GLY A 173 -0.38 -5.69 2.31
C GLY A 173 -0.98 -5.69 3.71
N GLU A 174 -2.14 -6.31 3.85
CA GLU A 174 -2.83 -6.39 5.13
C GLU A 174 -3.62 -7.67 5.31
N LEU A 175 -4.13 -7.85 6.52
CA LEU A 175 -4.93 -9.00 6.88
C LEU A 175 -5.73 -8.58 8.13
N GLY A 176 -7.06 -8.59 8.03
CA GLY A 176 -7.87 -8.22 9.16
C GLY A 176 -9.33 -8.20 8.79
N MET A 177 -10.10 -9.15 9.34
CA MET A 177 -11.52 -9.22 9.01
C MET A 177 -12.24 -7.92 9.36
N ALA A 178 -13.04 -7.46 8.40
CA ALA A 178 -13.83 -6.24 8.52
C ALA A 178 -13.05 -4.95 8.20
N ASN A 179 -11.80 -5.07 7.72
CA ASN A 179 -11.06 -3.83 7.45
C ASN A 179 -11.47 -3.00 6.25
N THR A 180 -12.37 -3.51 5.41
CA THR A 180 -12.81 -2.70 4.27
C THR A 180 -13.81 -1.64 4.74
N THR A 181 -14.28 -1.77 5.99
CA THR A 181 -15.22 -0.79 6.55
C THR A 181 -14.46 0.48 6.92
N PRO A 182 -13.42 0.38 7.78
CA PRO A 182 -12.69 1.60 8.11
C PRO A 182 -12.02 2.15 6.86
N ALA A 183 -11.62 1.26 5.96
CA ALA A 183 -10.98 1.69 4.72
C ALA A 183 -11.96 2.56 3.96
N ALA A 184 -13.21 2.11 3.87
CA ALA A 184 -14.23 2.87 3.15
C ALA A 184 -14.48 4.20 3.87
N ALA A 185 -14.47 4.18 5.19
CA ALA A 185 -14.69 5.40 5.95
C ALA A 185 -13.62 6.45 5.63
N MET A 186 -12.36 6.04 5.66
CA MET A 186 -11.27 6.96 5.35
C MET A 186 -11.39 7.50 3.93
N VAL A 187 -11.74 6.63 2.98
CA VAL A 187 -11.87 7.08 1.60
C VAL A 187 -12.97 8.14 1.51
N SER A 188 -14.07 7.91 2.21
CA SER A 188 -15.18 8.87 2.21
C SER A 188 -14.73 10.23 2.74
N VAL A 189 -14.01 10.22 3.86
CA VAL A 189 -13.51 11.43 4.48
C VAL A 189 -12.49 12.19 3.62
N PHE A 190 -11.44 11.49 3.18
CA PHE A 190 -10.42 12.14 2.37
C PHE A 190 -10.93 12.62 1.02
N THR A 191 -11.80 11.82 0.42
CA THR A 191 -12.36 12.13 -0.89
C THR A 191 -13.58 13.04 -0.86
N GLY A 192 -14.31 13.01 0.25
CA GLY A 192 -15.49 13.84 0.36
C GLY A 192 -16.67 13.21 -0.36
N SER A 193 -16.57 11.91 -0.63
CA SER A 193 -17.65 11.20 -1.30
C SER A 193 -18.59 10.58 -0.27
N ASP A 194 -19.84 10.35 -0.67
CA ASP A 194 -20.81 9.76 0.25
C ASP A 194 -20.47 8.28 0.45
N ALA A 195 -20.74 7.79 1.66
CA ALA A 195 -20.48 6.41 2.02
C ALA A 195 -21.01 5.38 1.02
N LYS A 196 -22.25 5.58 0.56
CA LYS A 196 -22.86 4.66 -0.37
C LYS A 196 -22.04 4.49 -1.65
N GLU A 197 -21.29 5.53 -2.03
CA GLU A 197 -20.48 5.50 -3.23
C GLU A 197 -19.14 4.77 -3.08
N VAL A 198 -18.67 4.60 -1.86
CA VAL A 198 -17.38 3.92 -1.65
C VAL A 198 -17.38 2.68 -0.78
N VAL A 199 -18.56 2.22 -0.39
CA VAL A 199 -18.67 1.01 0.42
C VAL A 199 -18.88 -0.19 -0.50
N GLY A 200 -18.02 -1.19 -0.37
CA GLY A 200 -18.14 -2.38 -1.20
C GLY A 200 -18.48 -3.67 -0.47
N ILE A 201 -18.46 -4.78 -1.20
CA ILE A 201 -18.79 -6.10 -0.63
C ILE A 201 -17.64 -6.73 0.16
N GLY A 202 -16.47 -6.11 0.10
CA GLY A 202 -15.32 -6.67 0.83
C GLY A 202 -15.14 -8.14 0.52
N ALA A 203 -14.97 -8.96 1.56
CA ALA A 203 -14.78 -10.39 1.37
C ALA A 203 -16.14 -11.10 1.29
N ASN A 204 -16.78 -10.97 0.13
CA ASN A 204 -18.07 -11.58 -0.15
C ASN A 204 -19.21 -11.27 0.83
N LEU A 205 -19.41 -9.99 1.14
CA LEU A 205 -20.51 -9.61 2.02
C LEU A 205 -21.80 -9.69 1.20
N PRO A 206 -22.83 -10.37 1.73
CA PRO A 206 -24.10 -10.49 1.00
C PRO A 206 -24.66 -9.12 0.60
N PRO A 207 -25.22 -9.04 -0.60
CA PRO A 207 -25.77 -7.79 -1.11
C PRO A 207 -26.83 -7.17 -0.19
N SER A 208 -27.59 -8.00 0.50
CA SER A 208 -28.62 -7.51 1.40
C SER A 208 -28.03 -6.73 2.56
N ARG A 209 -26.91 -7.22 3.09
CA ARG A 209 -26.24 -6.62 4.23
C ARG A 209 -25.40 -5.38 3.91
N ILE A 210 -25.48 -4.89 2.68
CA ILE A 210 -24.72 -3.72 2.28
C ILE A 210 -25.19 -2.45 2.99
N ASP A 211 -26.51 -2.28 3.10
CA ASP A 211 -27.07 -1.11 3.76
C ASP A 211 -26.56 -0.90 5.18
N ASN A 212 -26.44 -1.98 5.93
CA ASN A 212 -25.95 -1.86 7.30
C ASN A 212 -24.51 -1.36 7.31
N LYS A 213 -23.69 -1.88 6.41
CA LYS A 213 -22.30 -1.46 6.34
C LYS A 213 -22.21 0.05 6.07
N VAL A 214 -23.06 0.53 5.15
CA VAL A 214 -23.08 1.96 4.83
C VAL A 214 -23.47 2.79 6.06
N ASP A 215 -24.46 2.33 6.81
CA ASP A 215 -24.90 3.03 8.00
C ASP A 215 -23.79 3.09 9.03
N VAL A 216 -23.07 1.98 9.18
CA VAL A 216 -21.96 1.90 10.13
C VAL A 216 -20.89 2.93 9.77
N VAL A 217 -20.55 3.03 8.50
CA VAL A 217 -19.54 3.99 8.06
C VAL A 217 -19.97 5.41 8.39
N ARG A 218 -21.22 5.75 8.09
CA ARG A 218 -21.73 7.08 8.37
C ARG A 218 -21.69 7.37 9.88
N ARG A 219 -22.08 6.39 10.68
CA ARG A 219 -22.06 6.54 12.13
C ARG A 219 -20.65 6.83 12.61
N ALA A 220 -19.69 6.07 12.10
CA ALA A 220 -18.29 6.24 12.47
C ALA A 220 -17.83 7.67 12.20
N ILE A 221 -18.20 8.20 11.05
CA ILE A 221 -17.80 9.55 10.69
C ILE A 221 -18.52 10.61 11.54
N ALA A 222 -19.83 10.45 11.71
CA ALA A 222 -20.60 11.42 12.50
C ALA A 222 -20.11 11.45 13.95
N ILE A 223 -19.94 10.27 14.55
CA ILE A 223 -19.50 10.21 15.93
C ILE A 223 -18.07 10.72 16.15
N ASN A 224 -17.13 10.31 15.31
CA ASN A 224 -15.75 10.72 15.47
C ASN A 224 -15.36 12.08 14.92
N GLN A 225 -16.05 12.53 13.88
CA GLN A 225 -15.74 13.82 13.29
C GLN A 225 -14.28 13.97 12.92
N PRO A 226 -13.75 13.04 12.11
CA PRO A 226 -12.35 13.12 11.71
C PRO A 226 -12.07 14.34 10.83
N ASN A 227 -10.92 14.97 11.04
CA ASN A 227 -10.53 16.13 10.25
C ASN A 227 -9.76 15.68 9.00
N PRO A 228 -10.37 15.87 7.81
CA PRO A 228 -9.80 15.51 6.51
C PRO A 228 -8.42 16.08 6.24
N ARG A 229 -8.14 17.23 6.83
CA ARG A 229 -6.86 17.88 6.61
C ARG A 229 -5.76 17.30 7.49
N ASP A 230 -6.12 16.38 8.39
CA ASP A 230 -5.15 15.77 9.29
C ASP A 230 -5.17 14.25 9.11
N GLY A 231 -4.26 13.73 8.30
CA GLY A 231 -4.21 12.30 8.03
C GLY A 231 -4.09 11.41 9.26
N ILE A 232 -3.34 11.87 10.25
CA ILE A 232 -3.15 11.10 11.48
C ILE A 232 -4.45 11.09 12.29
N ASP A 233 -5.19 12.20 12.24
CA ASP A 233 -6.45 12.28 12.96
C ASP A 233 -7.43 11.26 12.38
N VAL A 234 -7.51 11.21 11.06
CA VAL A 234 -8.40 10.28 10.38
C VAL A 234 -8.04 8.84 10.67
N LEU A 235 -6.76 8.52 10.57
CA LEU A 235 -6.30 7.16 10.82
C LEU A 235 -6.67 6.69 12.23
N SER A 236 -6.36 7.50 13.23
CA SER A 236 -6.63 7.13 14.62
C SER A 236 -8.11 7.01 14.97
N LYS A 237 -8.93 7.83 14.32
CA LYS A 237 -10.37 7.83 14.59
C LYS A 237 -11.19 6.77 13.87
N VAL A 238 -11.09 6.72 12.56
CA VAL A 238 -11.88 5.74 11.81
C VAL A 238 -11.03 4.78 10.99
N GLY A 239 -9.76 4.66 11.35
CA GLY A 239 -8.87 3.75 10.66
C GLY A 239 -8.71 2.45 11.45
N GLY A 240 -7.53 1.86 11.39
CA GLY A 240 -7.24 0.63 12.11
C GLY A 240 -5.73 0.46 12.22
N PHE A 241 -5.28 -0.48 13.05
CA PHE A 241 -3.86 -0.74 13.27
C PHE A 241 -3.18 -1.18 11.96
N ASP A 242 -3.85 -2.06 11.24
CA ASP A 242 -3.31 -2.55 9.97
C ASP A 242 -3.17 -1.41 8.97
N LEU A 243 -4.20 -0.57 8.87
CA LEU A 243 -4.18 0.58 7.96
C LEU A 243 -3.06 1.55 8.32
N VAL A 244 -2.88 1.78 9.62
CA VAL A 244 -1.82 2.65 10.09
C VAL A 244 -0.47 2.04 9.69
N GLY A 245 -0.34 0.74 9.92
CA GLY A 245 0.88 0.04 9.57
C GLY A 245 1.25 0.22 8.12
N MET A 246 0.28 0.08 7.22
CA MET A 246 0.55 0.23 5.80
C MET A 246 1.04 1.65 5.49
N THR A 247 0.43 2.64 6.13
CA THR A 247 0.83 4.02 5.96
C THR A 247 2.29 4.16 6.40
N GLY A 248 2.64 3.50 7.51
CA GLY A 248 3.99 3.55 8.01
C GLY A 248 5.02 2.96 7.06
N VAL A 249 4.62 1.94 6.30
CA VAL A 249 5.55 1.35 5.35
C VAL A 249 5.81 2.38 4.25
N MET A 250 4.75 3.07 3.85
CA MET A 250 4.86 4.09 2.82
C MET A 250 5.77 5.23 3.26
N LEU A 251 5.62 5.69 4.48
CA LEU A 251 6.46 6.77 4.98
C LEU A 251 7.91 6.31 5.16
N GLY A 252 8.09 5.07 5.61
CA GLY A 252 9.42 4.54 5.79
C GLY A 252 10.22 4.40 4.51
N ALA A 253 9.59 3.86 3.47
CA ALA A 253 10.27 3.68 2.20
C ALA A 253 10.57 5.03 1.55
N ALA A 254 9.62 5.96 1.67
CA ALA A 254 9.82 7.28 1.09
C ALA A 254 11.02 7.96 1.74
N ARG A 255 11.11 7.86 3.06
CA ARG A 255 12.23 8.46 3.80
C ARG A 255 13.54 7.79 3.37
N CYS A 256 13.45 6.49 3.09
CA CYS A 256 14.56 5.68 2.65
C CYS A 256 14.84 5.91 1.16
N GLY A 257 13.98 6.71 0.53
CA GLY A 257 14.10 7.01 -0.88
C GLY A 257 13.90 5.80 -1.78
N LEU A 258 13.04 4.88 -1.36
CA LEU A 258 12.80 3.66 -2.13
C LEU A 258 11.35 3.53 -2.59
N PRO A 259 11.11 2.77 -3.67
CA PRO A 259 9.75 2.58 -4.20
C PRO A 259 8.90 1.60 -3.40
N VAL A 260 7.60 1.86 -3.39
CA VAL A 260 6.65 1.00 -2.69
C VAL A 260 5.50 0.67 -3.64
N LEU A 261 5.17 -0.61 -3.76
CA LEU A 261 4.07 -1.02 -4.61
C LEU A 261 2.79 -1.08 -3.80
N LEU A 262 1.74 -0.40 -4.24
CA LEU A 262 0.46 -0.45 -3.54
C LEU A 262 -0.19 -1.77 -3.90
N ASP A 263 -1.26 -2.13 -3.18
CA ASP A 263 -1.96 -3.36 -3.45
C ASP A 263 -3.36 -3.01 -3.91
N GLY A 264 -4.36 -3.33 -3.09
CA GLY A 264 -5.74 -3.02 -3.43
C GLY A 264 -6.39 -1.90 -2.63
N PHE A 265 -7.72 -1.98 -2.50
CA PHE A 265 -8.52 -0.98 -1.79
C PHE A 265 -8.02 -0.56 -0.41
N LEU A 266 -7.60 -1.52 0.41
CA LEU A 266 -7.09 -1.17 1.73
C LEU A 266 -5.85 -0.29 1.60
N SER A 267 -4.98 -0.62 0.65
CA SER A 267 -3.76 0.15 0.45
C SER A 267 -4.07 1.56 -0.05
N TYR A 268 -5.12 1.69 -0.86
CA TYR A 268 -5.52 3.00 -1.39
C TYR A 268 -5.87 3.94 -0.24
N SER A 269 -6.59 3.43 0.76
CA SER A 269 -6.97 4.28 1.88
C SER A 269 -5.73 4.71 2.66
N ALA A 270 -4.79 3.80 2.83
CA ALA A 270 -3.55 4.10 3.54
C ALA A 270 -2.72 5.09 2.74
N ALA A 271 -2.72 4.96 1.41
CA ALA A 271 -1.95 5.88 0.59
C ALA A 271 -2.56 7.28 0.63
N LEU A 272 -3.88 7.37 0.73
CA LEU A 272 -4.54 8.68 0.81
C LEU A 272 -4.07 9.37 2.09
N ALA A 273 -4.02 8.60 3.18
CA ALA A 273 -3.59 9.13 4.47
C ALA A 273 -2.12 9.55 4.41
N ALA A 274 -1.28 8.68 3.87
CA ALA A 274 0.14 8.97 3.77
C ALA A 274 0.42 10.26 2.98
N CYS A 275 -0.29 10.42 1.87
CA CYS A 275 -0.10 11.62 1.05
C CYS A 275 -0.64 12.88 1.72
N GLN A 276 -1.61 12.69 2.60
CA GLN A 276 -2.18 13.81 3.31
C GLN A 276 -1.18 14.24 4.38
N ILE A 277 -0.55 13.26 5.01
CA ILE A 277 0.44 13.49 6.07
C ILE A 277 1.73 14.07 5.50
N ALA A 278 2.15 13.55 4.36
CA ALA A 278 3.38 14.01 3.72
C ALA A 278 3.29 13.86 2.21
N PRO A 279 3.02 14.97 1.50
CA PRO A 279 2.90 14.95 0.04
C PRO A 279 4.16 14.44 -0.64
N ALA A 280 5.30 14.60 0.03
CA ALA A 280 6.57 14.16 -0.52
C ALA A 280 6.62 12.64 -0.71
N VAL A 281 5.63 11.95 -0.15
CA VAL A 281 5.60 10.50 -0.28
C VAL A 281 5.13 10.04 -1.66
N ARG A 282 4.28 10.85 -2.29
CA ARG A 282 3.69 10.54 -3.60
C ARG A 282 4.61 10.00 -4.69
N PRO A 283 5.75 10.66 -4.94
CA PRO A 283 6.68 10.23 -5.98
C PRO A 283 7.21 8.80 -5.83
N TYR A 284 7.13 8.25 -4.62
CA TYR A 284 7.63 6.90 -4.36
C TYR A 284 6.58 5.79 -4.50
N LEU A 285 5.32 6.18 -4.60
CA LEU A 285 4.23 5.20 -4.73
C LEU A 285 4.08 4.67 -6.15
N ILE A 286 3.84 3.37 -6.25
CA ILE A 286 3.65 2.74 -7.55
C ILE A 286 2.39 1.87 -7.49
N PRO A 287 1.41 2.15 -8.34
CA PRO A 287 0.17 1.36 -8.34
C PRO A 287 0.41 -0.04 -8.91
N SER A 288 -0.41 -1.00 -8.52
CA SER A 288 -0.26 -2.35 -9.06
C SER A 288 -1.48 -2.72 -9.89
N HIS A 289 -2.57 -3.08 -9.24
CA HIS A 289 -3.79 -3.47 -9.95
C HIS A 289 -4.97 -2.58 -9.58
N PHE A 290 -6.08 -2.78 -10.28
CA PHE A 290 -7.30 -2.02 -10.07
C PHE A 290 -8.26 -2.92 -9.28
N SER A 291 -8.41 -2.65 -7.99
CA SER A 291 -9.29 -3.43 -7.12
C SER A 291 -10.75 -3.48 -7.57
N ALA A 292 -11.38 -4.65 -7.38
CA ALA A 292 -12.79 -4.83 -7.76
C ALA A 292 -13.73 -4.25 -6.72
N GLU A 293 -13.18 -3.62 -5.69
CA GLU A 293 -13.99 -3.00 -4.65
C GLU A 293 -14.67 -1.78 -5.29
N LYS A 294 -15.92 -1.54 -4.93
CA LYS A 294 -16.69 -0.41 -5.47
C LYS A 294 -15.99 0.96 -5.38
N GLY A 295 -15.41 1.28 -4.23
CA GLY A 295 -14.77 2.56 -4.06
C GLY A 295 -13.39 2.73 -4.68
N ALA A 296 -12.92 1.71 -5.39
CA ALA A 296 -11.59 1.76 -6.01
C ALA A 296 -11.40 2.93 -6.97
N ARG A 297 -12.32 3.09 -7.92
CA ARG A 297 -12.21 4.16 -8.90
C ARG A 297 -12.09 5.53 -8.27
N ILE A 298 -12.94 5.81 -7.30
CA ILE A 298 -12.94 7.10 -6.60
C ILE A 298 -11.62 7.32 -5.87
N ALA A 299 -11.18 6.32 -5.13
CA ALA A 299 -9.92 6.41 -4.38
C ALA A 299 -8.74 6.65 -5.30
N LEU A 300 -8.67 5.91 -6.40
CA LEU A 300 -7.57 6.04 -7.36
C LEU A 300 -7.54 7.40 -8.03
N ALA A 301 -8.72 7.92 -8.34
CA ALA A 301 -8.83 9.22 -8.98
C ALA A 301 -8.18 10.28 -8.10
N HIS A 302 -8.48 10.23 -6.80
CA HIS A 302 -7.93 11.22 -5.90
C HIS A 302 -6.42 11.06 -5.68
N LEU A 303 -5.91 9.85 -5.92
CA LEU A 303 -4.47 9.61 -5.78
C LEU A 303 -3.84 9.90 -7.13
N SER A 304 -4.70 10.14 -8.12
CA SER A 304 -4.27 10.42 -9.47
C SER A 304 -3.39 9.29 -9.97
N MET A 305 -3.84 8.05 -9.76
CA MET A 305 -3.09 6.87 -10.18
C MET A 305 -3.86 5.97 -11.12
N GLU A 306 -3.16 5.38 -12.08
CA GLU A 306 -3.79 4.46 -13.02
C GLU A 306 -3.07 3.12 -12.90
N PRO A 307 -3.72 2.14 -12.27
CA PRO A 307 -3.11 0.80 -12.10
C PRO A 307 -2.69 0.18 -13.43
N TYR A 308 -1.68 -0.67 -13.39
CA TYR A 308 -1.18 -1.35 -14.57
C TYR A 308 -1.99 -2.62 -14.87
N LEU A 309 -2.37 -3.30 -13.81
CA LEU A 309 -3.11 -4.56 -13.90
C LEU A 309 -4.61 -4.47 -13.62
N HIS A 310 -5.39 -5.05 -14.53
CA HIS A 310 -6.84 -5.10 -14.40
C HIS A 310 -7.16 -6.58 -14.27
N MET A 311 -7.17 -7.08 -13.04
CA MET A 311 -7.43 -8.50 -12.78
C MET A 311 -8.72 -8.76 -12.01
N ALA A 312 -9.50 -7.71 -11.75
CA ALA A 312 -10.73 -7.85 -10.98
C ALA A 312 -10.41 -8.53 -9.64
N MET A 313 -9.21 -8.31 -9.13
CA MET A 313 -8.81 -8.91 -7.87
C MET A 313 -9.35 -8.17 -6.64
N ARG A 314 -9.59 -8.94 -5.58
CA ARG A 314 -10.12 -8.39 -4.33
C ARG A 314 -9.79 -9.32 -3.16
N LEU A 315 -8.54 -9.78 -3.11
CA LEU A 315 -8.10 -10.66 -2.03
C LEU A 315 -7.35 -9.88 -0.96
N GLY A 316 -6.53 -8.92 -1.38
CA GLY A 316 -5.75 -8.17 -0.41
C GLY A 316 -4.49 -8.97 -0.11
N GLU A 317 -3.98 -8.84 1.12
CA GLU A 317 -2.77 -9.53 1.57
C GLU A 317 -1.49 -9.00 0.91
N GLY A 318 -1.65 -8.16 -0.10
CA GLY A 318 -0.48 -7.66 -0.80
C GLY A 318 -0.25 -8.52 -2.03
N SER A 319 -1.27 -9.32 -2.37
CA SER A 319 -1.20 -10.21 -3.52
C SER A 319 -1.04 -9.45 -4.85
N GLY A 320 -1.68 -8.30 -4.94
CA GLY A 320 -1.60 -7.50 -6.15
C GLY A 320 -0.23 -6.87 -6.33
N ALA A 321 0.35 -6.43 -5.21
CA ALA A 321 1.68 -5.83 -5.22
C ALA A 321 2.72 -6.85 -5.70
N ALA A 322 2.64 -8.07 -5.19
CA ALA A 322 3.58 -9.12 -5.58
C ALA A 322 3.45 -9.42 -7.07
N LEU A 323 2.21 -9.42 -7.55
CA LEU A 323 1.94 -9.71 -8.95
C LEU A 323 2.52 -8.67 -9.90
N ALA A 324 2.68 -7.44 -9.42
CA ALA A 324 3.22 -6.36 -10.25
C ALA A 324 4.73 -6.22 -10.19
N MET A 325 5.38 -6.89 -9.25
CA MET A 325 6.83 -6.77 -9.14
C MET A 325 7.56 -7.11 -10.43
N PRO A 326 7.09 -8.14 -11.17
CA PRO A 326 7.77 -8.49 -12.42
C PRO A 326 7.74 -7.33 -13.41
N ILE A 327 6.71 -6.49 -13.30
CA ILE A 327 6.59 -5.34 -14.19
C ILE A 327 7.67 -4.31 -13.89
N VAL A 328 7.96 -4.11 -12.60
CA VAL A 328 9.00 -3.17 -12.21
C VAL A 328 10.34 -3.69 -12.72
N GLU A 329 10.56 -5.00 -12.59
CA GLU A 329 11.79 -5.60 -13.05
C GLU A 329 11.93 -5.50 -14.56
N ALA A 330 10.81 -5.53 -15.27
CA ALA A 330 10.82 -5.44 -16.73
C ALA A 330 11.28 -4.05 -17.16
N ALA A 331 10.86 -3.02 -16.43
CA ALA A 331 11.27 -1.66 -16.77
C ALA A 331 12.78 -1.53 -16.63
N CYS A 332 13.34 -2.19 -15.62
CA CYS A 332 14.78 -2.15 -15.38
C CYS A 332 15.52 -2.92 -16.47
N ALA A 333 14.97 -4.05 -16.86
CA ALA A 333 15.56 -4.89 -17.90
C ALA A 333 15.63 -4.11 -19.20
N MET A 334 14.52 -3.46 -19.54
CA MET A 334 14.43 -2.65 -20.74
C MET A 334 15.55 -1.60 -20.71
N PHE A 335 15.62 -0.88 -19.61
CA PHE A 335 16.60 0.17 -19.43
C PHE A 335 18.05 -0.29 -19.58
N HIS A 336 18.39 -1.41 -18.94
CA HIS A 336 19.75 -1.89 -18.96
C HIS A 336 20.18 -2.85 -20.07
N ASN A 337 19.25 -3.64 -20.60
CA ASN A 337 19.60 -4.64 -21.60
C ASN A 337 19.33 -4.34 -23.07
N MET A 338 18.49 -3.38 -23.39
CA MET A 338 18.22 -3.09 -24.79
C MET A 338 19.41 -2.43 -25.48
N GLY A 339 19.50 -2.65 -26.79
CA GLY A 339 20.57 -2.07 -27.59
C GLY A 339 20.22 -0.64 -27.96
N GLU A 340 21.16 0.06 -28.59
CA GLU A 340 20.92 1.44 -28.98
C GLU A 340 20.83 1.67 -30.48
N LEU A 341 19.97 2.60 -30.86
CA LEU A 341 19.75 2.95 -32.26
C LEU A 341 21.04 3.35 -32.98
N ALA A 342 21.83 4.18 -32.33
CA ALA A 342 23.09 4.66 -32.90
C ALA A 342 24.00 3.51 -33.32
N ALA A 343 24.08 2.48 -32.49
CA ALA A 343 24.93 1.33 -32.76
C ALA A 343 24.47 0.55 -33.99
N SER A 344 23.22 0.71 -34.38
CA SER A 344 22.69 0.02 -35.54
C SER A 344 22.61 0.94 -36.76
N ASN A 345 23.04 2.18 -36.58
CA ASN A 345 23.02 3.16 -37.65
C ASN A 345 21.58 3.40 -38.08
N ILE A 346 20.64 3.20 -37.17
CA ILE A 346 19.22 3.40 -37.44
C ILE A 346 18.81 4.79 -36.97
N VAL A 347 18.10 5.52 -37.83
CA VAL A 347 17.65 6.87 -37.49
C VAL A 347 16.12 6.95 -37.56
N LEU A 348 15.50 7.35 -36.45
CA LEU A 348 14.05 7.47 -36.38
C LEU A 348 13.66 8.84 -35.84
N PRO A 349 12.66 9.49 -36.47
CA PRO A 349 12.18 10.81 -36.04
C PRO A 349 11.86 10.90 -34.55
N3 1RB B . -7.18 -12.89 2.88
N1 1RB B . -8.75 -11.22 3.05
C2 1RB B . -7.49 -11.61 2.66
C7A 1RB B . -9.27 -12.43 3.60
C3A 1RB B . -8.27 -13.46 3.48
C4 1RB B . -8.52 -14.80 3.94
C5 1RB B . -9.76 -15.09 4.52
C6 1RB B . -10.78 -14.07 4.66
C7 1RB B . -10.54 -12.74 4.21
P 1RB B . -14.02 -7.59 4.86
O1P 1RB B . -14.06 -6.15 5.23
O2P 1RB B . -15.32 -8.00 4.24
O3P 1RB B . -13.79 -8.42 6.08
O5' 1RB B . -12.84 -7.86 3.81
C5' 1RB B . -11.49 -7.54 4.16
C4' 1RB B . -10.78 -8.82 4.60
O4' 1RB B . -10.71 -9.81 3.50
C3' 1RB B . -9.33 -8.66 5.01
O3' 1RB B . -8.89 -9.71 5.90
C2' 1RB B . -8.66 -8.72 3.67
O2' 1RB B . -7.26 -8.94 3.85
C1' 1RB B . -9.39 -9.83 2.94
N NIO C . -10.26 -7.58 0.61
C1 NIO C . -9.24 -6.90 -0.01
C2 NIO C . -9.57 -6.10 -1.14
C3 NIO C . -10.95 -6.02 -1.64
C4 NIO C . -11.89 -6.77 -0.90
C5 NIO C . -11.63 -7.57 0.21
C6 NIO C . -8.47 -5.32 -1.87
O1 NIO C . -8.77 -4.61 -2.87
O2 NIO C . -7.26 -5.37 -1.47
#